data_5GLH
#
_entry.id   5GLH
#
_cell.length_a   72.970
_cell.length_b   172.970
_cell.length_c   109.350
_cell.angle_alpha   90.000
_cell.angle_beta   90.000
_cell.angle_gamma   90.000
#
_symmetry.space_group_name_H-M   'C 2 2 21'
#
loop_
_entity.id
_entity.type
_entity.pdbx_description
1 polymer 'Endothelin Receptor Subtype-B'
2 polymer 'Peptide from Endothelin-1'
3 water water
#
loop_
_entity_poly.entity_id
_entity_poly.type
_entity_poly.pdbx_seq_one_letter_code
_entity_poly.pdbx_strand_id
1 'polypeptide(L)'
;GGGLAPAEVPKGDRTAGSPPRTISPPPCQGPIEIKETFKYINTVVSCLVFVLGIIGNSTLLYIIYKNKCMRNGPNILIAS
LALGDLLHIVIAIPINVYKLLAEDWPFGAEMCKLVPFIQKASVGITVLSLCALSIDRYRAVASWSRIKGIGVPKWTAVEI
VLIWVVSVVLAVPEAIGFDIITMDYKGSYLRICLLHPVQKTAFMQFYATAKDWWLFSFYFCLPLAITAFFYTLMTCEMLR
KNIFEMLRIDEGLRLKIYKDTEGYYTIGIGHLLTKSPSLNAAKSELDKAIGRNTNGVITKDEAEKLFNQDVDAAVRGILR
NAKLKPVYDSLDAVRRAALINMVFQMGETGVAGFTNSLRMLQQKRWDEAAVNLAKSRWYNQTPNRAKRVITTFRTGTWDA
YLNDHLKQRREVAKTVFCLVLVFALCWLPLHLARILKLTLYNQNDPNRCELLSFLLVLDYIGINMASLNSCANPIALYLV
SKRFKNAFKSALCCWAQS
;
A
2 'polypeptide(L)' CSCSSLMDKECVYFCHLDIIW B
#
# COMPACT_ATOMS: atom_id res chain seq x y z
N PRO A 26 -29.52 5.71 -34.12
CA PRO A 26 -28.80 4.96 -35.15
C PRO A 26 -27.84 5.80 -36.03
N PRO A 27 -28.19 7.07 -36.37
CA PRO A 27 -27.19 7.93 -37.04
C PRO A 27 -25.99 8.24 -36.15
N CYS A 28 -25.10 9.09 -36.63
CA CYS A 28 -23.79 9.22 -35.99
C CYS A 28 -23.18 10.57 -36.37
N GLN A 29 -21.99 10.83 -35.84
CA GLN A 29 -21.26 12.07 -36.09
C GLN A 29 -19.92 11.86 -36.78
N GLY A 30 -19.20 10.77 -36.46
CA GLY A 30 -17.93 10.47 -37.07
C GLY A 30 -16.91 10.09 -36.03
N PRO A 31 -16.88 8.81 -35.64
CA PRO A 31 -16.00 8.40 -34.53
C PRO A 31 -14.64 7.87 -34.95
N ILE A 32 -14.15 8.24 -36.14
CA ILE A 32 -12.76 7.94 -36.46
C ILE A 32 -11.85 8.65 -35.46
N GLU A 33 -12.28 9.80 -34.97
CA GLU A 33 -11.62 10.54 -33.90
C GLU A 33 -10.11 10.53 -34.06
N ILE A 34 -9.37 10.30 -32.98
CA ILE A 34 -7.91 10.20 -33.02
C ILE A 34 -7.37 11.28 -33.94
N LYS A 35 -7.59 12.54 -33.56
CA LYS A 35 -7.12 13.66 -34.36
C LYS A 35 -5.64 13.50 -34.65
N GLU A 36 -5.25 13.82 -35.89
CA GLU A 36 -3.85 13.65 -36.29
C GLU A 36 -2.89 14.37 -35.36
N THR A 37 -3.38 15.34 -34.59
CA THR A 37 -2.55 16.03 -33.62
C THR A 37 -2.33 15.20 -32.36
N PHE A 38 -3.37 14.49 -31.90
CA PHE A 38 -3.20 13.65 -30.71
C PHE A 38 -2.30 12.45 -30.99
N LYS A 39 -2.25 11.99 -32.24
CA LYS A 39 -1.40 10.85 -32.57
C LYS A 39 0.07 11.16 -32.31
N TYR A 40 0.49 12.39 -32.57
CA TYR A 40 1.87 12.77 -32.34
C TYR A 40 2.19 12.86 -30.85
N ILE A 41 1.31 13.51 -30.08
CA ILE A 41 1.57 13.70 -28.65
C ILE A 41 1.60 12.36 -27.93
N ASN A 42 0.60 11.50 -28.18
CA ASN A 42 0.52 10.24 -27.47
C ASN A 42 1.69 9.32 -27.82
N THR A 43 2.07 9.27 -29.11
CA THR A 43 3.17 8.40 -29.51
C THR A 43 4.53 8.93 -29.04
N VAL A 44 4.63 10.23 -28.77
CA VAL A 44 5.86 10.75 -28.18
C VAL A 44 5.93 10.43 -26.69
N VAL A 45 4.80 10.58 -25.99
CA VAL A 45 4.73 10.16 -24.59
C VAL A 45 5.01 8.68 -24.47
N SER A 46 4.49 7.89 -25.41
CA SER A 46 4.69 6.45 -25.36
C SER A 46 6.15 6.07 -25.56
N CYS A 47 6.86 6.78 -26.44
CA CYS A 47 8.27 6.50 -26.64
C CYS A 47 9.09 6.87 -25.41
N LEU A 48 8.76 7.99 -24.77
CA LEU A 48 9.46 8.40 -23.56
C LEU A 48 9.27 7.37 -22.44
N VAL A 49 8.02 6.97 -22.21
CA VAL A 49 7.74 5.99 -21.16
C VAL A 49 8.37 4.64 -21.51
N PHE A 50 8.46 4.31 -22.80
CA PHE A 50 8.99 3.02 -23.20
C PHE A 50 10.47 2.88 -22.83
N VAL A 51 11.32 3.73 -23.40
CA VAL A 51 12.76 3.60 -23.17
C VAL A 51 13.10 3.85 -21.71
N LEU A 52 12.43 4.82 -21.08
CA LEU A 52 12.67 5.08 -19.67
C LEU A 52 12.19 3.92 -18.81
N GLY A 53 11.12 3.25 -19.22
CA GLY A 53 10.67 2.07 -18.49
C GLY A 53 11.57 0.87 -18.76
N ILE A 54 12.06 0.74 -19.99
CA ILE A 54 13.01 -0.32 -20.32
C ILE A 54 14.31 -0.12 -19.55
N ILE A 55 14.86 1.11 -19.60
CA ILE A 55 16.09 1.40 -18.89
C ILE A 55 15.89 1.29 -17.38
N GLY A 56 14.80 1.89 -16.89
CA GLY A 56 14.60 1.95 -15.44
C GLY A 56 14.46 0.59 -14.80
N ASN A 57 13.72 -0.32 -15.42
CA ASN A 57 13.52 -1.63 -14.83
C ASN A 57 14.66 -2.59 -15.13
N SER A 58 15.40 -2.38 -16.23
CA SER A 58 16.53 -3.23 -16.54
C SER A 58 17.66 -3.02 -15.53
N THR A 59 18.00 -1.76 -15.26
CA THR A 59 19.09 -1.48 -14.32
C THR A 59 18.70 -1.85 -12.89
N LEU A 60 17.40 -1.83 -12.58
CA LEU A 60 16.95 -2.29 -11.27
C LEU A 60 17.20 -3.78 -11.11
N LEU A 61 16.94 -4.55 -12.17
CA LEU A 61 17.16 -5.99 -12.11
C LEU A 61 18.63 -6.35 -11.99
N TYR A 62 19.51 -5.55 -12.59
CA TYR A 62 20.95 -5.83 -12.50
C TYR A 62 21.46 -5.60 -11.09
N ILE A 63 20.91 -4.60 -10.38
CA ILE A 63 21.33 -4.34 -9.01
C ILE A 63 20.92 -5.48 -8.10
N ILE A 64 19.72 -6.04 -8.31
CA ILE A 64 19.25 -7.14 -7.47
C ILE A 64 20.08 -8.40 -7.75
N TYR A 65 20.39 -8.67 -9.02
CA TYR A 65 21.13 -9.86 -9.38
C TYR A 65 22.61 -9.79 -9.01
N LYS A 66 23.10 -8.62 -8.58
CA LYS A 66 24.49 -8.46 -8.20
C LYS A 66 24.68 -8.50 -6.69
N ASN A 67 23.99 -7.62 -5.97
CA ASN A 67 24.11 -7.54 -4.51
C ASN A 67 23.50 -8.76 -3.84
N GLY A 73 14.99 -11.18 0.91
CA GLY A 73 13.59 -11.04 1.25
C GLY A 73 12.86 -10.02 0.40
N PRO A 74 12.99 -8.74 0.74
CA PRO A 74 12.38 -7.70 -0.10
C PRO A 74 13.02 -7.56 -1.46
N ASN A 75 14.23 -8.11 -1.66
CA ASN A 75 14.91 -8.00 -2.95
C ASN A 75 14.15 -8.72 -4.05
N ILE A 76 13.75 -9.97 -3.77
CA ILE A 76 13.11 -10.78 -4.81
C ILE A 76 11.71 -10.28 -5.11
N LEU A 77 11.01 -9.73 -4.12
CA LEU A 77 9.69 -9.17 -4.38
C LEU A 77 9.77 -7.94 -5.27
N ILE A 78 10.77 -7.10 -5.05
CA ILE A 78 10.99 -5.96 -5.95
C ILE A 78 11.48 -6.44 -7.29
N ALA A 79 12.25 -7.54 -7.33
CA ALA A 79 12.72 -8.08 -8.59
C ALA A 79 11.58 -8.64 -9.42
N SER A 80 10.65 -9.37 -8.78
CA SER A 80 9.47 -9.86 -9.48
C SER A 80 8.63 -8.71 -10.02
N LEU A 81 8.52 -7.62 -9.25
CA LEU A 81 7.77 -6.46 -9.71
C LEU A 81 8.41 -5.85 -10.95
N ALA A 82 9.74 -5.76 -10.98
CA ALA A 82 10.42 -5.21 -12.15
C ALA A 82 10.27 -6.11 -13.37
N LEU A 83 10.19 -7.43 -13.18
CA LEU A 83 9.90 -8.33 -14.28
C LEU A 83 8.51 -8.09 -14.83
N GLY A 84 7.52 -7.96 -13.93
CA GLY A 84 6.17 -7.64 -14.37
C GLY A 84 6.11 -6.28 -15.05
N ASP A 85 6.85 -5.30 -14.52
CA ASP A 85 6.93 -4.00 -15.19
C ASP A 85 7.52 -4.14 -16.58
N LEU A 86 8.70 -4.77 -16.69
CA LEU A 86 9.37 -4.90 -17.97
C LEU A 86 8.51 -5.67 -18.97
N LEU A 87 7.86 -6.74 -18.51
CA LEU A 87 6.98 -7.49 -19.39
C LEU A 87 5.79 -6.66 -19.82
N HIS A 88 5.24 -5.85 -18.91
CA HIS A 88 4.09 -5.01 -19.24
C HIS A 88 4.46 -3.92 -20.24
N ILE A 89 5.67 -3.36 -20.11
CA ILE A 89 6.09 -2.31 -21.03
C ILE A 89 6.19 -2.84 -22.45
N VAL A 90 6.84 -3.99 -22.63
CA VAL A 90 7.10 -4.50 -23.96
C VAL A 90 5.84 -5.10 -24.60
N ILE A 91 4.84 -5.46 -23.81
CA ILE A 91 3.66 -6.10 -24.37
C ILE A 91 2.52 -5.13 -24.63
N ALA A 92 2.50 -3.99 -23.93
CA ALA A 92 1.36 -3.08 -23.99
C ALA A 92 1.67 -1.74 -24.63
N ILE A 93 2.93 -1.43 -24.90
CA ILE A 93 3.30 -0.14 -25.48
C ILE A 93 3.41 -0.23 -27.01
N PRO A 94 4.22 -1.14 -27.57
CA PRO A 94 4.41 -1.09 -29.03
C PRO A 94 3.17 -1.47 -29.82
N ILE A 95 2.42 -2.49 -29.37
CA ILE A 95 1.26 -2.94 -30.14
C ILE A 95 0.18 -1.88 -30.16
N ASN A 96 0.09 -1.04 -29.12
CA ASN A 96 -0.88 0.04 -29.10
C ASN A 96 -0.39 1.26 -29.87
N VAL A 97 0.93 1.47 -29.92
CA VAL A 97 1.48 2.51 -30.78
C VAL A 97 1.19 2.19 -32.25
N TYR A 98 1.38 0.93 -32.64
CA TYR A 98 1.08 0.52 -34.00
C TYR A 98 -0.41 0.64 -34.30
N LYS A 99 -1.25 0.14 -33.39
CA LYS A 99 -2.69 0.19 -33.60
C LYS A 99 -3.21 1.62 -33.64
N LEU A 100 -2.49 2.57 -33.03
CA LEU A 100 -2.88 3.97 -33.10
C LEU A 100 -2.54 4.58 -34.46
N LEU A 101 -1.33 4.31 -34.96
CA LEU A 101 -0.88 4.92 -36.20
C LEU A 101 -1.37 4.12 -37.41
N ALA A 102 -1.30 2.79 -37.35
CA ALA A 102 -1.67 2.00 -38.53
C ALA A 102 -3.17 1.74 -38.59
N GLU A 103 -3.83 1.75 -37.44
CA GLU A 103 -5.27 1.51 -37.35
C GLU A 103 -5.65 0.17 -37.99
N ASP A 104 -4.86 -0.85 -37.68
CA ASP A 104 -5.03 -2.14 -38.34
C ASP A 104 -4.44 -3.24 -37.48
N TRP A 105 -5.02 -4.43 -37.58
CA TRP A 105 -4.46 -5.63 -36.98
C TRP A 105 -3.91 -6.54 -38.07
N PRO A 106 -2.60 -6.54 -38.31
CA PRO A 106 -2.05 -7.33 -39.42
C PRO A 106 -1.82 -8.79 -39.07
N PHE A 107 -1.58 -9.08 -37.80
CA PHE A 107 -1.19 -10.41 -37.35
C PHE A 107 -2.40 -11.35 -37.36
N GLY A 108 -2.16 -12.62 -37.06
CA GLY A 108 -3.18 -13.63 -37.11
C GLY A 108 -4.01 -13.69 -35.84
N ALA A 109 -4.76 -14.79 -35.72
CA ALA A 109 -5.62 -14.96 -34.55
C ALA A 109 -4.83 -15.30 -33.30
N GLU A 110 -3.70 -16.00 -33.45
CA GLU A 110 -2.88 -16.32 -32.28
C GLU A 110 -2.41 -15.06 -31.58
N MET A 111 -1.85 -14.11 -32.34
CA MET A 111 -1.45 -12.84 -31.75
C MET A 111 -2.63 -12.10 -31.15
N CYS A 112 -3.82 -12.27 -31.74
CA CYS A 112 -5.01 -11.62 -31.17
C CYS A 112 -5.38 -12.21 -29.82
N LYS A 113 -5.06 -13.48 -29.59
CA LYS A 113 -5.34 -14.14 -28.32
C LYS A 113 -4.14 -14.16 -27.39
N LEU A 114 -2.94 -13.85 -27.89
CA LEU A 114 -1.73 -13.92 -27.09
C LEU A 114 -1.40 -12.59 -26.40
N VAL A 115 -1.48 -11.49 -27.15
CA VAL A 115 -1.14 -10.18 -26.59
C VAL A 115 -2.00 -9.83 -25.38
N PRO A 116 -3.34 -9.93 -25.42
CA PRO A 116 -4.11 -9.64 -24.20
C PRO A 116 -3.85 -10.61 -23.08
N PHE A 117 -3.51 -11.86 -23.40
CA PHE A 117 -3.23 -12.85 -22.36
C PHE A 117 -1.95 -12.52 -21.63
N ILE A 118 -0.89 -12.17 -22.35
CA ILE A 118 0.36 -11.78 -21.71
C ILE A 118 0.18 -10.49 -20.92
N GLN A 119 -0.64 -9.58 -21.46
CA GLN A 119 -0.84 -8.29 -20.80
C GLN A 119 -1.50 -8.46 -19.43
N LYS A 120 -2.62 -9.18 -19.39
CA LYS A 120 -3.31 -9.39 -18.11
C LYS A 120 -2.50 -10.27 -17.16
N ALA A 121 -1.55 -11.05 -17.68
CA ALA A 121 -0.66 -11.80 -16.80
C ALA A 121 0.37 -10.88 -16.15
N SER A 122 0.93 -9.94 -16.93
CA SER A 122 1.89 -8.99 -16.37
C SER A 122 1.22 -8.07 -15.37
N VAL A 123 -0.02 -7.66 -15.65
CA VAL A 123 -0.77 -6.83 -14.71
C VAL A 123 -0.99 -7.58 -13.40
N GLY A 124 -1.38 -8.85 -13.48
CA GLY A 124 -1.56 -9.64 -12.28
C GLY A 124 -0.29 -9.77 -11.47
N ILE A 125 0.84 -10.02 -12.15
CA ILE A 125 2.12 -10.12 -11.46
C ILE A 125 2.43 -8.81 -10.73
N THR A 126 2.12 -7.68 -11.36
CA THR A 126 2.44 -6.39 -10.76
C THR A 126 1.61 -6.12 -9.50
N VAL A 127 0.29 -6.33 -9.58
CA VAL A 127 -0.55 -6.01 -8.44
C VAL A 127 -0.34 -7.02 -7.31
N LEU A 128 -0.02 -8.27 -7.64
CA LEU A 128 0.24 -9.25 -6.60
C LEU A 128 1.61 -9.07 -5.97
N SER A 129 2.59 -8.59 -6.75
CA SER A 129 3.90 -8.28 -6.17
C SER A 129 3.80 -7.14 -5.17
N LEU A 130 2.96 -6.15 -5.48
CA LEU A 130 2.80 -5.02 -4.56
C LEU A 130 2.13 -5.45 -3.26
N CYS A 131 1.12 -6.31 -3.34
CA CYS A 131 0.47 -6.81 -2.14
C CYS A 131 1.40 -7.72 -1.35
N ALA A 132 2.16 -8.56 -2.05
CA ALA A 132 3.15 -9.39 -1.36
C ALA A 132 4.28 -8.55 -0.76
N LEU A 133 4.63 -7.44 -1.41
CA LEU A 133 5.65 -6.56 -0.86
C LEU A 133 5.15 -5.83 0.37
N SER A 134 3.91 -5.34 0.34
CA SER A 134 3.38 -4.60 1.48
C SER A 134 3.21 -5.51 2.69
N ILE A 135 2.68 -6.71 2.48
CA ILE A 135 2.53 -7.68 3.57
C ILE A 135 3.90 -8.04 4.12
N ASP A 136 4.91 -8.13 3.25
CA ASP A 136 6.26 -8.43 3.70
C ASP A 136 6.77 -7.36 4.65
N ARG A 137 6.44 -6.09 4.38
CA ARG A 137 6.83 -5.00 5.28
C ARG A 137 6.10 -5.08 6.60
N TYR A 138 4.83 -5.53 6.58
CA TYR A 138 4.08 -5.69 7.81
C TYR A 138 4.65 -6.84 8.66
N ARG A 139 4.94 -7.97 8.01
CA ARG A 139 5.48 -9.11 8.75
C ARG A 139 6.89 -8.82 9.26
N ALA A 140 7.62 -7.92 8.61
CA ALA A 140 8.94 -7.55 9.09
C ALA A 140 8.86 -6.73 10.37
N VAL A 141 7.78 -5.98 10.56
CA VAL A 141 7.62 -5.18 11.77
C VAL A 141 6.86 -5.94 12.86
N ALA A 142 5.92 -6.81 12.48
CA ALA A 142 5.14 -7.55 13.47
C ALA A 142 5.96 -8.61 14.17
N SER A 143 7.13 -8.98 13.64
CA SER A 143 7.94 -10.06 14.21
C SER A 143 8.75 -9.51 15.38
N TRP A 144 8.17 -9.58 16.58
CA TRP A 144 8.87 -9.21 17.80
C TRP A 144 8.14 -9.77 19.02
N TRP A 155 9.62 -19.20 2.90
CA TRP A 155 8.48 -19.31 1.99
C TRP A 155 8.26 -17.99 1.24
N THR A 156 9.34 -17.40 0.77
CA THR A 156 9.29 -16.17 0.00
C THR A 156 9.29 -16.42 -1.51
N ALA A 157 10.18 -17.29 -1.99
CA ALA A 157 10.16 -17.68 -3.39
C ALA A 157 8.95 -18.53 -3.73
N VAL A 158 8.30 -19.13 -2.72
CA VAL A 158 7.08 -19.89 -2.96
C VAL A 158 5.95 -18.95 -3.40
N GLU A 159 5.89 -17.76 -2.81
CA GLU A 159 4.88 -16.79 -3.21
C GLU A 159 5.09 -16.33 -4.64
N ILE A 160 6.35 -16.27 -5.10
CA ILE A 160 6.63 -15.84 -6.47
C ILE A 160 6.00 -16.80 -7.47
N VAL A 161 6.25 -18.10 -7.29
CA VAL A 161 5.62 -19.10 -8.15
C VAL A 161 4.10 -19.03 -8.02
N LEU A 162 3.60 -18.85 -6.80
CA LEU A 162 2.17 -18.72 -6.58
C LEU A 162 1.62 -17.49 -7.29
N ILE A 163 2.35 -16.37 -7.25
CA ILE A 163 1.90 -15.15 -7.89
C ILE A 163 1.83 -15.34 -9.40
N TRP A 164 2.91 -15.85 -10.00
CA TRP A 164 2.96 -15.96 -11.46
C TRP A 164 1.97 -17.00 -11.97
N VAL A 165 1.76 -18.08 -11.22
CA VAL A 165 0.79 -19.08 -11.62
C VAL A 165 -0.62 -18.49 -11.60
N VAL A 166 -0.97 -17.82 -10.49
CA VAL A 166 -2.30 -17.25 -10.36
C VAL A 166 -2.51 -16.12 -11.37
N SER A 167 -1.46 -15.33 -11.63
CA SER A 167 -1.58 -14.24 -12.58
C SER A 167 -1.84 -14.77 -13.99
N VAL A 168 -1.23 -15.90 -14.34
CA VAL A 168 -1.43 -16.48 -15.66
C VAL A 168 -2.83 -17.09 -15.78
N VAL A 169 -3.24 -17.85 -14.76
CA VAL A 169 -4.53 -18.52 -14.81
C VAL A 169 -5.66 -17.51 -14.92
N LEU A 170 -5.60 -16.43 -14.15
CA LEU A 170 -6.63 -15.41 -14.21
C LEU A 170 -6.65 -14.67 -15.54
N ALA A 171 -5.54 -14.69 -16.28
CA ALA A 171 -5.48 -14.07 -17.59
C ALA A 171 -5.91 -15.00 -18.71
N VAL A 172 -6.17 -16.28 -18.41
CA VAL A 172 -6.56 -17.23 -19.45
C VAL A 172 -7.85 -16.82 -20.15
N PRO A 173 -8.91 -16.35 -19.48
CA PRO A 173 -10.12 -15.95 -20.21
C PRO A 173 -9.88 -14.94 -21.32
N GLU A 174 -8.82 -14.15 -21.24
CA GLU A 174 -8.49 -13.23 -22.33
C GLU A 174 -8.10 -14.00 -23.59
N ALA A 175 -7.35 -15.09 -23.43
CA ALA A 175 -6.88 -15.87 -24.57
C ALA A 175 -7.98 -16.70 -25.22
N ILE A 176 -9.14 -16.82 -24.59
CA ILE A 176 -10.26 -17.57 -25.15
C ILE A 176 -11.30 -16.66 -25.78
N GLY A 177 -11.56 -15.51 -25.15
CA GLY A 177 -12.60 -14.62 -25.64
C GLY A 177 -12.20 -13.79 -26.85
N PHE A 178 -10.92 -13.48 -26.99
CA PHE A 178 -10.48 -12.64 -28.10
C PHE A 178 -10.45 -13.45 -29.39
N ASP A 179 -10.90 -12.82 -30.48
CA ASP A 179 -10.95 -13.47 -31.78
C ASP A 179 -10.99 -12.39 -32.86
N ILE A 180 -10.77 -12.83 -34.10
CA ILE A 180 -10.72 -11.92 -35.25
C ILE A 180 -12.02 -12.03 -36.03
N ILE A 181 -12.68 -10.89 -36.25
CA ILE A 181 -13.87 -10.81 -37.07
C ILE A 181 -13.64 -9.76 -38.15
N THR A 182 -14.52 -9.77 -39.16
CA THR A 182 -14.47 -8.81 -40.24
C THR A 182 -15.86 -8.22 -40.44
N MET A 183 -15.91 -7.06 -41.09
CA MET A 183 -17.18 -6.42 -41.40
C MET A 183 -16.99 -5.42 -42.53
N ASP A 184 -18.09 -5.15 -43.23
CA ASP A 184 -18.14 -4.10 -44.25
C ASP A 184 -18.72 -2.85 -43.58
N TYR A 185 -17.83 -1.99 -43.09
CA TYR A 185 -18.23 -0.75 -42.44
C TYR A 185 -17.97 0.43 -43.35
N LYS A 186 -18.92 1.37 -43.40
CA LYS A 186 -18.86 2.55 -44.24
C LYS A 186 -18.54 2.13 -45.68
N GLY A 187 -17.41 2.55 -46.23
CA GLY A 187 -17.00 2.11 -47.55
C GLY A 187 -15.83 1.15 -47.58
N SER A 188 -15.36 0.68 -46.42
CA SER A 188 -14.19 -0.18 -46.32
C SER A 188 -14.57 -1.55 -45.79
N TYR A 189 -13.61 -2.48 -45.91
CA TYR A 189 -13.71 -3.83 -45.39
C TYR A 189 -12.61 -4.03 -44.36
N LEU A 190 -13.00 -4.18 -43.10
CA LEU A 190 -12.06 -4.14 -41.98
C LEU A 190 -11.91 -5.52 -41.35
N ARG A 191 -10.80 -5.68 -40.62
CA ARG A 191 -10.47 -6.93 -39.94
C ARG A 191 -10.15 -6.58 -38.50
N ILE A 192 -11.05 -6.94 -37.57
CA ILE A 192 -11.00 -6.46 -36.20
C ILE A 192 -10.55 -7.59 -35.28
N CYS A 193 -9.68 -7.25 -34.34
CA CYS A 193 -9.29 -8.14 -33.24
C CYS A 193 -9.88 -7.56 -31.97
N LEU A 194 -10.90 -8.23 -31.43
CA LEU A 194 -11.61 -7.73 -30.27
C LEU A 194 -12.04 -8.89 -29.38
N LEU A 195 -12.62 -8.55 -28.23
CA LEU A 195 -13.26 -9.54 -27.38
C LEU A 195 -14.62 -9.89 -27.96
N HIS A 196 -14.79 -11.14 -28.37
CA HIS A 196 -15.96 -11.51 -29.17
C HIS A 196 -17.24 -11.39 -28.36
N PRO A 197 -18.27 -10.70 -28.86
CA PRO A 197 -19.55 -10.65 -28.14
C PRO A 197 -20.18 -12.01 -27.94
N VAL A 198 -19.97 -12.96 -28.84
CA VAL A 198 -20.55 -14.29 -28.75
C VAL A 198 -19.47 -15.27 -28.30
N GLN A 199 -19.78 -16.07 -27.28
CA GLN A 199 -18.86 -17.06 -26.72
C GLN A 199 -19.51 -18.43 -26.74
N LYS A 200 -18.68 -19.47 -26.78
CA LYS A 200 -19.14 -20.86 -26.79
C LYS A 200 -19.35 -21.42 -25.39
N THR A 201 -19.45 -20.56 -24.38
CA THR A 201 -19.62 -21.01 -23.01
C THR A 201 -20.40 -19.94 -22.24
N ALA A 202 -21.29 -20.40 -21.35
CA ALA A 202 -22.06 -19.46 -20.53
C ALA A 202 -21.15 -18.67 -19.59
N PHE A 203 -20.06 -19.28 -19.13
CA PHE A 203 -19.10 -18.56 -18.28
C PHE A 203 -18.39 -17.47 -19.08
N MET A 204 -17.90 -17.83 -20.27
CA MET A 204 -17.21 -16.85 -21.12
C MET A 204 -18.14 -15.75 -21.59
N GLN A 205 -19.42 -16.07 -21.83
CA GLN A 205 -20.38 -15.03 -22.18
C GLN A 205 -20.57 -14.04 -21.06
N PHE A 206 -20.44 -14.49 -19.80
CA PHE A 206 -20.48 -13.58 -18.67
C PHE A 206 -19.20 -12.75 -18.60
N TYR A 207 -18.06 -13.38 -18.89
CA TYR A 207 -16.79 -12.65 -18.84
C TYR A 207 -16.72 -11.59 -19.93
N ALA A 208 -17.35 -11.83 -21.08
CA ALA A 208 -17.32 -10.86 -22.16
C ALA A 208 -18.08 -9.58 -21.79
N THR A 209 -19.07 -9.68 -20.91
CA THR A 209 -19.88 -8.52 -20.58
C THR A 209 -19.42 -7.83 -19.29
N ALA A 210 -18.83 -8.57 -18.36
CA ALA A 210 -18.46 -8.05 -17.05
C ALA A 210 -16.94 -8.09 -16.83
N LYS A 211 -16.18 -8.05 -17.92
CA LYS A 211 -14.73 -8.07 -17.81
C LYS A 211 -14.20 -6.84 -17.09
N ASP A 212 -14.74 -5.67 -17.41
CA ASP A 212 -14.22 -4.43 -16.84
C ASP A 212 -14.51 -4.32 -15.35
N TRP A 213 -15.63 -4.88 -14.89
CA TRP A 213 -15.89 -4.89 -13.44
C TRP A 213 -14.96 -5.86 -12.73
N TRP A 214 -14.67 -7.01 -13.35
CA TRP A 214 -13.74 -7.96 -12.76
C TRP A 214 -12.33 -7.36 -12.66
N LEU A 215 -11.93 -6.58 -13.66
CA LEU A 215 -10.62 -5.95 -13.62
C LEU A 215 -10.59 -4.80 -12.61
N PHE A 216 -11.68 -4.03 -12.54
CA PHE A 216 -11.73 -2.87 -11.64
C PHE A 216 -11.78 -3.29 -10.18
N SER A 217 -12.43 -4.41 -9.88
CA SER A 217 -12.58 -4.82 -8.48
C SER A 217 -11.39 -5.64 -7.99
N PHE A 218 -10.80 -6.46 -8.85
CA PHE A 218 -9.71 -7.34 -8.45
C PHE A 218 -8.32 -6.77 -8.71
N TYR A 219 -8.13 -6.08 -9.84
CA TYR A 219 -6.82 -5.54 -10.20
C TYR A 219 -6.65 -4.07 -9.79
N PHE A 220 -7.59 -3.52 -9.01
CA PHE A 220 -7.51 -2.12 -8.61
C PHE A 220 -8.02 -1.93 -7.18
N CYS A 221 -9.31 -2.20 -6.96
CA CYS A 221 -9.88 -2.00 -5.63
C CYS A 221 -9.27 -2.97 -4.61
N LEU A 222 -9.21 -4.25 -4.95
CA LEU A 222 -8.66 -5.24 -4.02
C LEU A 222 -7.21 -4.97 -3.62
N PRO A 223 -6.29 -4.62 -4.53
CA PRO A 223 -4.94 -4.26 -4.06
C PRO A 223 -4.93 -3.01 -3.20
N LEU A 224 -5.71 -2.00 -3.58
CA LEU A 224 -5.80 -0.79 -2.75
C LEU A 224 -6.32 -1.10 -1.36
N ALA A 225 -7.33 -1.98 -1.27
CA ALA A 225 -7.88 -2.35 0.03
C ALA A 225 -6.89 -3.18 0.83
N ILE A 226 -6.24 -4.15 0.18
CA ILE A 226 -5.29 -5.01 0.89
C ILE A 226 -4.08 -4.20 1.35
N THR A 227 -3.55 -3.33 0.50
CA THR A 227 -2.39 -2.55 0.87
C THR A 227 -2.72 -1.57 2.00
N ALA A 228 -3.81 -0.82 1.86
CA ALA A 228 -4.19 0.13 2.90
C ALA A 228 -4.47 -0.58 4.22
N PHE A 229 -4.92 -1.84 4.17
CA PHE A 229 -5.17 -2.61 5.38
C PHE A 229 -3.87 -2.96 6.09
N PHE A 230 -2.91 -3.52 5.35
CA PHE A 230 -1.64 -3.92 5.97
C PHE A 230 -0.76 -2.72 6.27
N TYR A 231 -0.94 -1.62 5.55
CA TYR A 231 -0.25 -0.38 5.93
C TYR A 231 -0.75 0.12 7.27
N THR A 232 -2.07 0.07 7.49
CA THR A 232 -2.64 0.46 8.78
C THR A 232 -2.13 -0.44 9.90
N LEU A 233 -2.08 -1.75 9.65
CA LEU A 233 -1.57 -2.67 10.66
C LEU A 233 -0.09 -2.44 10.93
N MET A 234 0.67 -2.07 9.89
CA MET A 234 2.09 -1.83 10.06
C MET A 234 2.35 -0.59 10.92
N THR A 235 1.58 0.49 10.68
CA THR A 235 1.76 1.70 11.47
C THR A 235 1.32 1.49 12.91
N CYS A 236 0.23 0.75 13.13
CA CYS A 236 -0.16 0.43 14.49
C CYS A 236 0.84 -0.49 15.17
N GLU A 237 1.54 -1.31 14.38
CA GLU A 237 2.58 -2.17 14.95
C GLU A 237 3.85 -1.38 15.25
N MET A 238 4.22 -0.46 14.34
CA MET A 238 5.36 0.41 14.61
C MET A 238 5.12 1.29 15.83
N LEU A 239 3.87 1.67 16.08
CA LEU A 239 3.57 2.53 17.21
C LEU A 239 3.76 1.79 18.53
N ARG A 240 3.24 0.56 18.62
CA ARG A 240 3.43 -0.23 19.83
C ARG A 240 4.87 -0.70 19.99
N LYS A 241 5.67 -0.65 18.91
CA LYS A 241 7.10 -0.89 19.01
C LYS A 241 7.82 0.29 19.63
N ASN A 242 7.48 1.51 19.20
CA ASN A 242 8.14 2.70 19.74
C ASN A 242 7.81 2.91 21.21
N ILE A 243 6.54 2.70 21.58
CA ILE A 243 6.16 2.87 22.99
C ILE A 243 6.88 1.85 23.86
N PHE A 244 7.26 0.71 23.29
CA PHE A 244 8.05 -0.27 24.03
C PHE A 244 9.45 0.26 24.30
N GLU A 245 10.14 0.75 23.26
CA GLU A 245 11.44 1.35 23.44
C GLU A 245 11.36 2.59 24.34
N MET A 246 10.28 3.34 24.23
CA MET A 246 10.10 4.52 25.07
C MET A 246 10.06 4.14 26.54
N LEU A 247 9.19 3.19 26.91
CA LEU A 247 9.08 2.79 28.30
C LEU A 247 10.30 1.99 28.76
N ARG A 248 10.92 1.25 27.85
CA ARG A 248 12.13 0.51 28.18
C ARG A 248 13.25 1.45 28.64
N ILE A 249 13.28 2.67 28.10
CA ILE A 249 14.29 3.64 28.52
C ILE A 249 13.90 4.27 29.85
N ASP A 250 12.64 4.69 29.99
CA ASP A 250 12.21 5.40 31.18
C ASP A 250 11.96 4.48 32.36
N GLU A 251 11.60 3.21 32.11
CA GLU A 251 11.26 2.29 33.19
C GLU A 251 12.23 1.13 33.32
N GLY A 252 13.03 0.84 32.29
CA GLY A 252 13.93 -0.28 32.32
C GLY A 252 13.22 -1.60 32.06
N LEU A 253 14.02 -2.62 31.79
CA LEU A 253 13.51 -3.97 31.54
C LEU A 253 14.36 -4.97 32.31
N ARG A 254 13.69 -5.78 33.13
CA ARG A 254 14.36 -6.80 33.93
C ARG A 254 13.66 -8.13 33.71
N LEU A 255 14.45 -9.18 33.47
CA LEU A 255 13.91 -10.51 33.26
C LEU A 255 13.72 -11.30 34.55
N LYS A 256 14.20 -10.78 35.67
CA LYS A 256 14.01 -11.37 36.98
C LYS A 256 13.28 -10.38 37.89
N ILE A 257 12.60 -10.91 38.90
CA ILE A 257 11.84 -10.06 39.82
C ILE A 257 12.79 -9.11 40.53
N TYR A 258 12.40 -7.84 40.63
CA TYR A 258 13.26 -6.81 41.18
C TYR A 258 12.45 -5.83 42.02
N LYS A 259 13.16 -5.04 42.81
CA LYS A 259 12.56 -4.01 43.65
C LYS A 259 12.74 -2.65 43.00
N ASP A 260 11.70 -1.82 43.08
CA ASP A 260 11.63 -0.59 42.31
C ASP A 260 12.28 0.57 43.05
N THR A 261 12.27 1.73 42.40
CA THR A 261 12.81 2.93 43.03
C THR A 261 11.96 3.35 44.22
N GLU A 262 10.63 3.22 44.11
CA GLU A 262 9.78 3.42 45.27
C GLU A 262 10.02 2.31 46.30
N GLY A 263 10.45 1.14 45.85
CA GLY A 263 10.71 0.01 46.71
C GLY A 263 9.77 -1.17 46.59
N TYR A 264 8.99 -1.27 45.50
CA TYR A 264 8.01 -2.33 45.33
C TYR A 264 8.50 -3.36 44.32
N TYR A 265 8.12 -4.61 44.55
CA TYR A 265 8.56 -5.70 43.69
C TYR A 265 7.92 -5.57 42.31
N THR A 266 8.76 -5.60 41.27
CA THR A 266 8.33 -5.36 39.90
C THR A 266 9.11 -6.27 38.96
N ILE A 267 8.52 -6.53 37.79
CA ILE A 267 9.16 -7.34 36.76
C ILE A 267 8.73 -6.81 35.39
N GLY A 268 9.49 -7.17 34.37
CA GLY A 268 9.16 -6.74 33.01
C GLY A 268 9.42 -5.26 32.83
N ILE A 269 8.46 -4.58 32.20
CA ILE A 269 8.56 -3.14 31.98
C ILE A 269 7.59 -2.45 32.95
N GLY A 270 8.03 -2.29 34.20
CA GLY A 270 7.22 -1.61 35.19
C GLY A 270 5.91 -2.29 35.52
N HIS A 271 5.81 -3.60 35.31
CA HIS A 271 4.59 -4.33 35.60
C HIS A 271 4.55 -4.66 37.09
N LEU A 272 3.68 -3.97 37.83
CA LEU A 272 3.54 -4.23 39.25
C LEU A 272 2.88 -5.58 39.47
N LEU A 273 3.54 -6.44 40.25
CA LEU A 273 2.97 -7.75 40.53
C LEU A 273 2.21 -7.76 41.84
N THR A 274 2.75 -7.11 42.87
CA THR A 274 2.04 -6.95 44.14
C THR A 274 2.72 -5.84 44.93
N LYS A 275 1.95 -5.22 45.81
CA LYS A 275 2.43 -4.14 46.67
C LYS A 275 2.77 -4.63 48.08
N SER A 276 2.72 -5.95 48.32
CA SER A 276 3.01 -6.49 49.63
C SER A 276 4.54 -6.57 49.85
N PRO A 277 4.99 -6.35 51.10
CA PRO A 277 6.43 -6.35 51.36
C PRO A 277 7.08 -7.73 51.35
N SER A 278 6.30 -8.81 51.32
CA SER A 278 6.85 -10.16 51.37
C SER A 278 7.40 -10.53 49.99
N LEU A 279 8.68 -10.91 49.95
CA LEU A 279 9.27 -11.36 48.68
C LEU A 279 8.72 -12.72 48.27
N ASN A 280 8.32 -13.55 49.24
CA ASN A 280 7.70 -14.83 48.91
C ASN A 280 6.33 -14.63 48.28
N ALA A 281 5.57 -13.65 48.77
CA ALA A 281 4.28 -13.33 48.17
C ALA A 281 4.43 -12.79 46.76
N ALA A 282 5.57 -12.14 46.47
CA ALA A 282 5.82 -11.65 45.12
C ALA A 282 6.06 -12.81 44.16
N LYS A 283 6.85 -13.80 44.57
CA LYS A 283 7.09 -14.96 43.73
C LYS A 283 5.82 -15.76 43.50
N SER A 284 4.99 -15.88 44.54
CA SER A 284 3.72 -16.59 44.38
C SER A 284 2.78 -15.85 43.46
N GLU A 285 2.70 -14.53 43.58
CA GLU A 285 1.86 -13.74 42.68
C GLU A 285 2.41 -13.72 41.27
N LEU A 286 3.74 -13.74 41.12
CA LEU A 286 4.33 -13.75 39.78
C LEU A 286 4.01 -15.06 39.06
N ASP A 287 4.14 -16.19 39.75
CA ASP A 287 3.79 -17.48 39.16
C ASP A 287 2.31 -17.53 38.83
N LYS A 288 1.47 -16.95 39.69
CA LYS A 288 0.05 -16.87 39.40
C LYS A 288 -0.26 -15.89 38.28
N ALA A 289 0.64 -14.95 38.01
CA ALA A 289 0.38 -13.94 36.98
C ALA A 289 0.59 -14.48 35.57
N ILE A 290 1.64 -15.27 35.37
CA ILE A 290 1.97 -15.69 34.01
C ILE A 290 1.17 -16.93 33.63
N GLY A 291 0.92 -17.82 34.58
CA GLY A 291 0.27 -19.08 34.28
C GLY A 291 1.19 -20.19 33.86
N ARG A 292 2.47 -19.89 33.61
CA ARG A 292 3.47 -20.91 33.31
C ARG A 292 4.84 -20.46 33.79
N ASN A 293 5.10 -20.56 35.09
CA ASN A 293 6.29 -19.95 35.67
C ASN A 293 7.53 -20.76 35.34
N THR A 294 8.56 -20.08 34.83
CA THR A 294 9.89 -20.67 34.71
C THR A 294 10.73 -20.38 35.96
N ASN A 295 10.12 -20.52 37.13
CA ASN A 295 10.67 -20.36 38.48
C ASN A 295 10.80 -18.90 38.89
N GLY A 296 10.51 -17.94 38.02
CA GLY A 296 10.55 -16.54 38.40
C GLY A 296 11.39 -15.67 37.49
N VAL A 297 11.93 -16.27 36.43
CA VAL A 297 12.75 -15.56 35.45
C VAL A 297 12.16 -15.79 34.07
N ILE A 298 12.00 -14.71 33.31
CA ILE A 298 11.36 -14.79 32.00
C ILE A 298 12.35 -14.38 30.91
N THR A 299 11.90 -14.42 29.66
CA THR A 299 12.70 -14.02 28.52
C THR A 299 12.25 -12.65 28.03
N LYS A 300 12.85 -12.20 26.93
CA LYS A 300 12.50 -10.90 26.37
C LYS A 300 11.10 -10.93 25.76
N ASP A 301 10.75 -12.01 25.08
CA ASP A 301 9.44 -12.07 24.40
C ASP A 301 8.30 -12.12 25.40
N GLU A 302 8.48 -12.82 26.52
CA GLU A 302 7.42 -12.89 27.53
C GLU A 302 7.14 -11.52 28.13
N ALA A 303 8.21 -10.74 28.38
CA ALA A 303 8.02 -9.40 28.92
C ALA A 303 7.36 -8.47 27.92
N GLU A 304 7.59 -8.68 26.62
CA GLU A 304 6.91 -7.88 25.61
C GLU A 304 5.42 -8.16 25.61
N LYS A 305 5.02 -9.42 25.75
CA LYS A 305 3.61 -9.76 25.85
C LYS A 305 2.98 -9.13 27.07
N LEU A 306 3.65 -9.28 28.23
CA LEU A 306 3.18 -8.63 29.46
C LEU A 306 3.05 -7.12 29.26
N PHE A 307 4.01 -6.52 28.54
CA PHE A 307 3.98 -5.08 28.32
C PHE A 307 2.75 -4.66 27.51
N ASN A 308 2.46 -5.40 26.45
CA ASN A 308 1.31 -5.05 25.60
C ASN A 308 0.00 -5.17 26.36
N GLN A 309 -0.09 -6.10 27.31
CA GLN A 309 -1.27 -6.17 28.17
C GLN A 309 -1.44 -4.88 28.96
N ASP A 310 -0.34 -4.37 29.53
CA ASP A 310 -0.41 -3.17 30.35
C ASP A 310 -0.75 -1.95 29.50
N VAL A 311 -0.24 -1.90 28.26
CA VAL A 311 -0.57 -0.77 27.38
C VAL A 311 -2.05 -0.79 27.04
N ASP A 312 -2.60 -1.97 26.74
CA ASP A 312 -4.03 -2.09 26.50
C ASP A 312 -4.82 -1.65 27.73
N ALA A 313 -4.40 -2.08 28.92
CA ALA A 313 -5.09 -1.66 30.14
C ALA A 313 -4.96 -0.16 30.35
N ALA A 314 -3.79 0.41 30.05
CA ALA A 314 -3.62 1.85 30.20
C ALA A 314 -4.49 2.62 29.23
N VAL A 315 -4.64 2.10 28.00
CA VAL A 315 -5.50 2.77 27.02
C VAL A 315 -6.96 2.69 27.45
N ARG A 316 -7.40 1.53 27.93
CA ARG A 316 -8.79 1.40 28.36
C ARG A 316 -9.09 2.31 29.55
N GLY A 317 -8.17 2.38 30.51
CA GLY A 317 -8.40 3.23 31.67
C GLY A 317 -8.47 4.70 31.31
N ILE A 318 -7.67 5.13 30.35
CA ILE A 318 -7.72 6.52 29.89
C ILE A 318 -9.07 6.80 29.24
N LEU A 319 -9.51 5.90 28.36
CA LEU A 319 -10.78 6.11 27.66
C LEU A 319 -11.96 6.06 28.62
N ARG A 320 -11.84 5.32 29.73
CA ARG A 320 -12.90 5.27 30.73
C ARG A 320 -12.90 6.50 31.64
N ASN A 321 -11.80 7.23 31.69
CA ASN A 321 -11.68 8.41 32.54
C ASN A 321 -12.19 9.64 31.79
N ALA A 322 -13.12 10.36 32.42
CA ALA A 322 -13.71 11.53 31.79
C ALA A 322 -12.73 12.69 31.67
N LYS A 323 -11.70 12.74 32.53
CA LYS A 323 -10.73 13.83 32.45
C LYS A 323 -9.69 13.57 31.37
N LEU A 324 -9.31 12.31 31.16
CA LEU A 324 -8.20 11.96 30.28
C LEU A 324 -8.64 11.68 28.85
N LYS A 325 -9.85 11.14 28.65
CA LYS A 325 -10.28 10.76 27.31
C LYS A 325 -10.31 11.92 26.33
N PRO A 326 -10.89 13.10 26.65
CA PRO A 326 -10.91 14.18 25.66
C PRO A 326 -9.51 14.67 25.28
N VAL A 327 -8.59 14.72 26.24
CA VAL A 327 -7.22 15.14 25.92
C VAL A 327 -6.52 14.07 25.11
N TYR A 328 -6.70 12.80 25.47
CA TYR A 328 -6.07 11.70 24.76
C TYR A 328 -6.55 11.63 23.31
N ASP A 329 -7.82 11.97 23.08
CA ASP A 329 -8.36 11.90 21.73
C ASP A 329 -7.76 12.97 20.83
N SER A 330 -7.58 14.19 21.36
CA SER A 330 -7.05 15.28 20.55
C SER A 330 -5.56 15.12 20.23
N LEU A 331 -4.87 14.19 20.87
CA LEU A 331 -3.44 14.07 20.74
C LEU A 331 -3.06 13.16 19.59
N ASP A 332 -1.89 13.43 19.00
CA ASP A 332 -1.33 12.58 17.96
C ASP A 332 -0.81 11.28 18.57
N ALA A 333 -0.41 10.36 17.68
CA ALA A 333 0.04 9.04 18.13
C ALA A 333 1.25 9.15 19.04
N VAL A 334 2.17 10.08 18.73
CA VAL A 334 3.37 10.24 19.54
C VAL A 334 3.01 10.75 20.95
N ARG A 335 2.31 11.87 21.02
CA ARG A 335 1.93 12.43 22.32
C ARG A 335 0.95 11.54 23.08
N ARG A 336 0.19 10.69 22.38
CA ARG A 336 -0.60 9.68 23.08
C ARG A 336 0.31 8.75 23.87
N ALA A 337 1.44 8.34 23.28
CA ALA A 337 2.37 7.48 23.99
C ALA A 337 3.03 8.19 25.17
N ALA A 338 3.22 9.50 25.08
CA ALA A 338 3.75 10.25 26.21
C ALA A 338 2.75 10.27 27.36
N LEU A 339 1.46 10.36 27.05
CA LEU A 339 0.45 10.30 28.09
C LEU A 339 0.35 8.90 28.69
N ILE A 340 0.45 7.87 27.85
CA ILE A 340 0.45 6.49 28.35
C ILE A 340 1.65 6.25 29.25
N ASN A 341 2.79 6.86 28.91
CA ASN A 341 3.98 6.77 29.75
C ASN A 341 3.69 7.28 31.16
N MET A 342 3.03 8.45 31.26
CA MET A 342 2.71 9.01 32.56
C MET A 342 1.72 8.13 33.31
N VAL A 343 0.73 7.58 32.61
CA VAL A 343 -0.23 6.67 33.23
C VAL A 343 0.49 5.41 33.71
N PHE A 344 1.50 4.97 32.96
CA PHE A 344 2.32 3.84 33.40
C PHE A 344 2.99 4.15 34.74
N GLN A 345 3.46 5.38 34.91
CA GLN A 345 4.25 5.72 36.09
C GLN A 345 3.36 6.08 37.28
N MET A 346 2.29 6.84 37.04
CA MET A 346 1.51 7.42 38.14
C MET A 346 0.07 6.91 38.21
N GLY A 347 -0.36 6.08 37.27
CA GLY A 347 -1.74 5.63 37.24
C GLY A 347 -2.67 6.70 36.71
N GLU A 348 -3.88 6.25 36.36
CA GLU A 348 -4.85 7.14 35.72
C GLU A 348 -5.26 8.28 36.65
N THR A 349 -5.37 8.00 37.95
CA THR A 349 -5.78 9.03 38.90
C THR A 349 -4.72 10.10 39.04
N GLY A 350 -3.45 9.70 39.18
CA GLY A 350 -2.39 10.67 39.34
C GLY A 350 -2.23 11.58 38.14
N VAL A 351 -2.33 11.01 36.93
CA VAL A 351 -2.21 11.82 35.72
C VAL A 351 -3.36 12.81 35.62
N ALA A 352 -4.55 12.40 36.06
CA ALA A 352 -5.71 13.29 36.03
C ALA A 352 -5.54 14.51 36.92
N GLY A 353 -4.55 14.52 37.81
CA GLY A 353 -4.31 15.68 38.65
C GLY A 353 -3.64 16.84 37.96
N PHE A 354 -3.01 16.61 36.80
CA PHE A 354 -2.40 17.67 36.01
C PHE A 354 -3.47 18.44 35.23
N THR A 355 -4.38 19.06 35.98
CA THR A 355 -5.53 19.70 35.36
C THR A 355 -5.11 20.80 34.40
N ASN A 356 -4.19 21.67 34.84
CA ASN A 356 -3.77 22.79 34.01
C ASN A 356 -2.99 22.30 32.79
N SER A 357 -2.10 21.31 32.98
CA SER A 357 -1.27 20.85 31.88
C SER A 357 -2.08 20.05 30.86
N LEU A 358 -3.06 19.27 31.33
CA LEU A 358 -3.88 18.49 30.40
C LEU A 358 -4.71 19.40 29.50
N ARG A 359 -5.23 20.49 30.05
CA ARG A 359 -5.99 21.43 29.23
C ARG A 359 -5.10 22.11 28.20
N MET A 360 -3.85 22.43 28.59
CA MET A 360 -2.92 23.03 27.65
C MET A 360 -2.57 22.07 26.52
N LEU A 361 -2.38 20.79 26.84
CA LEU A 361 -2.11 19.80 25.80
C LEU A 361 -3.29 19.65 24.87
N GLN A 362 -4.51 19.71 25.41
CA GLN A 362 -5.71 19.62 24.58
C GLN A 362 -5.81 20.81 23.63
N GLN A 363 -5.46 22.00 24.12
CA GLN A 363 -5.45 23.19 23.29
C GLN A 363 -4.16 23.33 22.47
N LYS A 364 -3.34 22.27 22.44
CA LYS A 364 -2.14 22.21 21.60
C LYS A 364 -1.14 23.32 21.94
N ARG A 365 -1.11 23.72 23.22
CA ARG A 365 -0.12 24.68 23.71
C ARG A 365 1.06 23.87 24.24
N TRP A 366 1.94 23.48 23.32
CA TRP A 366 3.01 22.53 23.67
C TRP A 366 4.02 23.15 24.62
N ASP A 367 4.51 24.35 24.31
CA ASP A 367 5.55 24.96 25.14
C ASP A 367 5.00 25.36 26.51
N GLU A 368 3.75 25.85 26.55
CA GLU A 368 3.16 26.26 27.83
C GLU A 368 2.97 25.06 28.74
N ALA A 369 2.53 23.92 28.19
CA ALA A 369 2.41 22.71 28.98
C ALA A 369 3.78 22.18 29.41
N ALA A 370 4.80 22.36 28.58
CA ALA A 370 6.14 21.91 28.95
C ALA A 370 6.64 22.66 30.17
N VAL A 371 6.49 24.00 30.16
CA VAL A 371 6.93 24.80 31.30
C VAL A 371 6.13 24.44 32.54
N ASN A 372 4.81 24.22 32.38
CA ASN A 372 3.97 23.92 33.53
C ASN A 372 4.31 22.56 34.14
N LEU A 373 4.56 21.56 33.28
CA LEU A 373 4.89 20.23 33.79
C LEU A 373 6.23 20.21 34.53
N ALA A 374 7.15 21.11 34.16
CA ALA A 374 8.45 21.15 34.81
C ALA A 374 8.36 21.65 36.26
N LYS A 375 7.24 22.25 36.65
CA LYS A 375 7.05 22.75 38.01
C LYS A 375 6.43 21.72 38.93
N SER A 376 6.29 20.48 38.49
CA SER A 376 5.54 19.49 39.25
C SER A 376 6.44 18.71 40.20
N ARG A 377 5.79 18.02 41.14
CA ARG A 377 6.50 17.04 41.95
C ARG A 377 7.05 15.90 41.11
N TRP A 378 6.36 15.58 40.00
CA TRP A 378 6.81 14.51 39.11
C TRP A 378 8.15 14.86 38.47
N TYR A 379 8.29 16.10 38.00
CA TYR A 379 9.56 16.53 37.40
C TYR A 379 10.69 16.47 38.43
N ASN A 380 10.41 16.88 39.66
CA ASN A 380 11.45 16.91 40.69
C ASN A 380 11.83 15.51 41.15
N GLN A 381 10.89 14.56 41.13
CA GLN A 381 11.17 13.22 41.62
C GLN A 381 11.91 12.37 40.58
N THR A 382 11.47 12.42 39.33
CA THR A 382 12.05 11.64 38.24
C THR A 382 12.39 12.56 37.09
N PRO A 383 13.50 13.30 37.18
CA PRO A 383 13.79 14.32 36.16
C PRO A 383 14.12 13.75 34.79
N ASN A 384 14.91 12.67 34.73
CA ASN A 384 15.29 12.10 33.45
C ASN A 384 14.06 11.66 32.66
N ARG A 385 13.18 10.89 33.30
CA ARG A 385 11.95 10.44 32.65
C ARG A 385 11.06 11.62 32.29
N ALA A 386 10.94 12.59 33.21
CA ALA A 386 10.08 13.74 32.96
C ALA A 386 10.61 14.59 31.81
N LYS A 387 11.92 14.82 31.76
CA LYS A 387 12.48 15.68 30.71
C LYS A 387 12.29 15.08 29.33
N ARG A 388 12.41 13.75 29.20
CA ARG A 388 12.17 13.12 27.92
C ARG A 388 10.69 13.19 27.53
N VAL A 389 9.81 12.91 28.49
CA VAL A 389 8.37 12.96 28.22
C VAL A 389 7.95 14.38 27.87
N ILE A 390 8.43 15.36 28.64
CA ILE A 390 8.10 16.75 28.35
C ILE A 390 8.61 17.16 26.98
N THR A 391 9.84 16.74 26.64
CA THR A 391 10.36 17.01 25.30
C THR A 391 9.48 16.38 24.23
N THR A 392 8.97 15.18 24.49
CA THR A 392 8.10 14.51 23.51
C THR A 392 6.80 15.28 23.31
N PHE A 393 6.19 15.74 24.40
CA PHE A 393 5.02 16.61 24.28
C PHE A 393 5.37 17.89 23.53
N ARG A 394 6.58 18.40 23.73
CA ARG A 394 6.99 19.69 23.17
C ARG A 394 7.27 19.60 21.67
N THR A 395 7.90 18.51 21.22
CA THR A 395 8.31 18.38 19.83
C THR A 395 7.45 17.44 19.01
N GLY A 396 6.72 16.52 19.66
CA GLY A 396 5.88 15.60 18.92
C GLY A 396 6.61 14.54 18.14
N THR A 397 7.86 14.23 18.51
CA THR A 397 8.65 13.22 17.82
C THR A 397 9.21 12.24 18.83
N TRP A 398 9.84 11.18 18.31
CA TRP A 398 10.49 10.17 19.13
C TRP A 398 11.98 10.45 19.34
N ASP A 399 12.43 11.69 19.11
CA ASP A 399 13.87 11.95 19.05
C ASP A 399 14.57 11.63 20.36
N ALA A 400 13.87 11.74 21.49
CA ALA A 400 14.52 11.50 22.77
C ALA A 400 14.76 10.03 23.05
N TYR A 401 14.13 9.13 22.29
CA TYR A 401 14.18 7.69 22.58
C TYR A 401 14.82 6.89 21.46
N LEU A 402 14.26 6.93 20.26
CA LEU A 402 14.66 6.02 19.20
C LEU A 402 16.00 6.42 18.58
N ASN A 403 16.72 5.42 18.07
CA ASN A 403 17.98 5.66 17.38
C ASN A 403 17.72 5.93 15.89
N ASP A 404 18.73 6.52 15.25
CA ASP A 404 18.54 7.00 13.88
C ASP A 404 18.47 5.87 12.86
N HIS A 405 19.18 4.77 13.10
CA HIS A 405 19.12 3.63 12.19
C HIS A 405 17.70 3.08 12.09
N LEU A 406 17.05 2.84 13.23
CA LEU A 406 15.67 2.39 13.22
C LEU A 406 14.75 3.45 12.64
N LYS A 407 15.00 4.73 12.98
CA LYS A 407 14.21 5.82 12.43
C LYS A 407 14.26 5.84 10.90
N GLN A 408 15.41 5.48 10.31
CA GLN A 408 15.55 5.48 8.86
C GLN A 408 14.85 4.30 8.22
N ARG A 409 14.98 3.10 8.81
CA ARG A 409 14.35 1.93 8.20
C ARG A 409 12.84 2.05 8.22
N ARG A 410 12.27 2.65 9.28
CA ARG A 410 10.83 2.83 9.36
C ARG A 410 10.34 3.77 8.26
N GLU A 411 11.02 4.90 8.08
CA GLU A 411 10.56 5.89 7.11
C GLU A 411 10.69 5.38 5.68
N VAL A 412 11.60 4.44 5.44
CA VAL A 412 11.71 3.84 4.10
C VAL A 412 10.45 3.05 3.79
N ALA A 413 10.13 2.06 4.63
CA ALA A 413 8.98 1.19 4.38
C ALA A 413 7.68 1.99 4.30
N LYS A 414 7.48 2.91 5.25
CA LYS A 414 6.24 3.68 5.29
C LYS A 414 6.08 4.53 4.04
N THR A 415 7.16 5.19 3.59
CA THR A 415 7.09 6.01 2.39
C THR A 415 7.13 5.16 1.13
N VAL A 416 7.82 4.02 1.16
CA VAL A 416 7.85 3.13 -0.01
C VAL A 416 6.47 2.62 -0.37
N PHE A 417 5.51 2.72 0.56
CA PHE A 417 4.12 2.42 0.26
C PHE A 417 3.53 3.37 -0.79
N CYS A 418 4.22 4.45 -1.13
CA CYS A 418 3.73 5.36 -2.16
C CYS A 418 3.65 4.70 -3.52
N LEU A 419 4.33 3.57 -3.71
CA LEU A 419 4.20 2.82 -4.96
C LEU A 419 2.74 2.45 -5.23
N VAL A 420 1.95 2.25 -4.17
CA VAL A 420 0.53 1.97 -4.33
C VAL A 420 -0.25 3.24 -4.62
N LEU A 421 0.18 4.38 -4.06
CA LEU A 421 -0.43 5.65 -4.42
C LEU A 421 -0.22 5.95 -5.91
N VAL A 422 1.00 5.74 -6.40
CA VAL A 422 1.25 5.89 -7.84
C VAL A 422 0.45 4.86 -8.63
N PHE A 423 0.34 3.65 -8.08
CA PHE A 423 -0.48 2.62 -8.73
C PHE A 423 -1.94 3.05 -8.86
N ALA A 424 -2.47 3.70 -7.82
CA ALA A 424 -3.87 4.10 -7.84
C ALA A 424 -4.11 5.24 -8.82
N LEU A 425 -3.15 6.15 -8.97
CA LEU A 425 -3.34 7.29 -9.86
C LEU A 425 -3.01 6.98 -11.31
N CYS A 426 -2.22 5.93 -11.57
CA CYS A 426 -1.84 5.60 -12.93
C CYS A 426 -2.85 4.66 -13.59
N TRP A 427 -3.42 3.73 -12.82
CA TRP A 427 -4.40 2.79 -13.34
C TRP A 427 -5.83 3.30 -13.25
N LEU A 428 -6.05 4.47 -12.63
CA LEU A 428 -7.40 5.01 -12.58
C LEU A 428 -7.88 5.51 -13.94
N PRO A 429 -7.08 6.25 -14.74
CA PRO A 429 -7.60 6.71 -16.03
C PRO A 429 -8.02 5.60 -16.96
N LEU A 430 -7.24 4.51 -17.02
CA LEU A 430 -7.62 3.39 -17.88
C LEU A 430 -8.88 2.70 -17.40
N HIS A 431 -8.95 2.42 -16.08
CA HIS A 431 -10.17 1.80 -15.53
C HIS A 431 -11.37 2.71 -15.70
N LEU A 432 -11.21 4.00 -15.40
CA LEU A 432 -12.32 4.94 -15.55
C LEU A 432 -12.83 4.98 -16.99
N ALA A 433 -11.94 4.79 -17.96
CA ALA A 433 -12.35 4.81 -19.36
C ALA A 433 -13.28 3.63 -19.67
N ARG A 434 -12.89 2.42 -19.26
CA ARG A 434 -13.72 1.25 -19.50
C ARG A 434 -15.02 1.31 -18.70
N ILE A 435 -14.99 1.92 -17.52
CA ILE A 435 -16.22 2.08 -16.75
C ILE A 435 -17.19 3.00 -17.48
N LEU A 436 -16.68 4.11 -18.03
CA LEU A 436 -17.55 5.06 -18.73
C LEU A 436 -18.14 4.44 -20.00
N LYS A 437 -17.43 3.52 -20.64
CA LYS A 437 -17.99 2.87 -21.83
C LYS A 437 -19.16 1.97 -21.47
N LEU A 438 -19.08 1.30 -20.32
CA LEU A 438 -20.17 0.45 -19.86
C LEU A 438 -21.30 1.25 -19.19
N THR A 439 -21.09 2.54 -18.96
CA THR A 439 -22.06 3.38 -18.26
C THR A 439 -22.77 4.37 -19.17
N LEU A 440 -22.03 5.13 -19.97
CA LEU A 440 -22.60 6.20 -20.76
C LEU A 440 -22.97 5.79 -22.18
N TYR A 441 -22.36 4.73 -22.71
CA TYR A 441 -22.61 4.34 -24.08
C TYR A 441 -23.99 3.70 -24.22
N ASN A 442 -24.80 4.23 -25.13
CA ASN A 442 -26.11 3.70 -25.46
C ASN A 442 -26.24 3.71 -26.98
N GLN A 443 -26.43 2.53 -27.57
CA GLN A 443 -26.57 2.45 -29.01
C GLN A 443 -27.68 3.35 -29.53
N ASN A 444 -28.73 3.55 -28.74
CA ASN A 444 -29.90 4.28 -29.22
C ASN A 444 -29.72 5.80 -29.16
N ASP A 445 -28.76 6.29 -28.36
CA ASP A 445 -28.52 7.73 -28.26
C ASP A 445 -27.58 8.14 -29.38
N PRO A 446 -28.04 8.92 -30.37
CA PRO A 446 -27.26 9.07 -31.60
C PRO A 446 -25.99 9.89 -31.44
N ASN A 447 -25.90 10.77 -30.45
CA ASN A 447 -24.66 11.53 -30.27
C ASN A 447 -23.55 10.69 -29.61
N ARG A 448 -23.67 9.36 -29.64
CA ARG A 448 -22.74 8.49 -28.92
C ARG A 448 -21.37 8.45 -29.62
N CYS A 449 -21.36 8.75 -30.92
CA CYS A 449 -20.11 8.76 -31.66
C CYS A 449 -19.14 9.79 -31.09
N GLU A 450 -19.67 10.93 -30.64
CA GLU A 450 -18.85 11.90 -29.91
C GLU A 450 -18.29 11.29 -28.63
N LEU A 451 -19.02 10.37 -28.00
CA LEU A 451 -18.54 9.71 -26.79
C LEU A 451 -17.43 8.70 -27.11
N LEU A 452 -17.65 7.87 -28.13
CA LEU A 452 -16.63 6.89 -28.51
C LEU A 452 -15.35 7.59 -28.95
N SER A 453 -15.50 8.74 -29.63
CA SER A 453 -14.35 9.56 -29.99
C SER A 453 -13.56 9.98 -28.77
N PHE A 454 -14.26 10.40 -27.71
CA PHE A 454 -13.59 10.80 -26.48
C PHE A 454 -12.96 9.60 -25.78
N LEU A 455 -13.62 8.44 -25.82
CA LEU A 455 -13.08 7.26 -25.14
C LEU A 455 -11.81 6.76 -25.83
N LEU A 456 -11.70 6.93 -27.15
CA LEU A 456 -10.48 6.53 -27.85
C LEU A 456 -9.26 7.27 -27.31
N VAL A 457 -9.40 8.58 -27.07
CA VAL A 457 -8.29 9.35 -26.53
C VAL A 457 -8.02 8.95 -25.09
N LEU A 458 -9.07 8.79 -24.28
CA LEU A 458 -8.89 8.42 -22.88
C LEU A 458 -8.31 7.01 -22.74
N ASP A 459 -8.59 6.12 -23.70
CA ASP A 459 -8.02 4.78 -23.65
C ASP A 459 -6.52 4.80 -23.93
N TYR A 460 -6.09 5.56 -24.94
CA TYR A 460 -4.67 5.64 -25.24
C TYR A 460 -3.90 6.47 -24.22
N ILE A 461 -4.58 7.34 -23.48
CA ILE A 461 -3.94 8.03 -22.37
C ILE A 461 -3.82 7.10 -21.18
N GLY A 462 -4.89 6.36 -20.87
CA GLY A 462 -4.83 5.42 -19.76
C GLY A 462 -3.83 4.31 -19.98
N ILE A 463 -3.61 3.90 -21.23
CA ILE A 463 -2.60 2.89 -21.51
C ILE A 463 -1.19 3.45 -21.35
N ASN A 464 -1.03 4.78 -21.45
CA ASN A 464 0.26 5.39 -21.17
C ASN A 464 0.46 5.60 -19.68
N MET A 465 -0.60 5.97 -18.96
CA MET A 465 -0.50 6.14 -17.51
C MET A 465 -0.20 4.81 -16.84
N ALA A 466 -0.89 3.74 -17.26
CA ALA A 466 -0.66 2.43 -16.67
C ALA A 466 0.74 1.92 -16.98
N SER A 467 1.30 2.31 -18.12
CA SER A 467 2.68 1.94 -18.43
C SER A 467 3.68 2.85 -17.75
N LEU A 468 3.29 4.09 -17.45
CA LEU A 468 4.18 4.98 -16.70
C LEU A 468 4.39 4.48 -15.28
N ASN A 469 3.39 3.78 -14.71
CA ASN A 469 3.55 3.20 -13.38
C ASN A 469 4.63 2.12 -13.38
N SER A 470 4.64 1.27 -14.41
CA SER A 470 5.73 0.31 -14.56
C SER A 470 7.05 1.02 -14.80
N CYS A 471 7.00 2.23 -15.35
CA CYS A 471 8.21 3.00 -15.57
C CYS A 471 8.63 3.79 -14.34
N ALA A 472 7.68 4.15 -13.48
CA ALA A 472 7.95 4.98 -12.31
C ALA A 472 8.33 4.17 -11.08
N ASN A 473 8.13 2.84 -11.10
CA ASN A 473 8.52 2.03 -9.95
C ASN A 473 10.01 2.11 -9.65
N PRO A 474 10.92 2.04 -10.62
CA PRO A 474 12.33 2.27 -10.28
C PRO A 474 12.62 3.70 -9.87
N ILE A 475 11.99 4.68 -10.53
CA ILE A 475 12.25 6.08 -10.21
C ILE A 475 11.81 6.40 -8.79
N ALA A 476 10.62 5.93 -8.40
CA ALA A 476 10.13 6.20 -7.05
C ALA A 476 10.97 5.47 -6.00
N LEU A 477 11.33 4.21 -6.27
CA LEU A 477 12.15 3.46 -5.32
C LEU A 477 13.55 4.03 -5.20
N TYR A 478 14.09 4.59 -6.30
CA TYR A 478 15.40 5.22 -6.25
C TYR A 478 15.36 6.50 -5.41
N LEU A 479 14.34 7.32 -5.62
CA LEU A 479 14.23 8.60 -4.93
C LEU A 479 13.90 8.45 -3.45
N VAL A 480 13.42 7.27 -3.03
CA VAL A 480 12.91 7.08 -1.68
C VAL A 480 13.89 6.31 -0.80
N SER A 481 14.39 5.18 -1.29
CA SER A 481 15.12 4.25 -0.44
C SER A 481 16.49 4.75 -0.01
N LYS A 482 17.01 5.81 -0.64
CA LYS A 482 18.33 6.35 -0.33
C LYS A 482 19.44 5.33 -0.58
N ARG A 483 19.33 4.14 0.02
CA ARG A 483 20.28 3.07 -0.26
C ARG A 483 20.27 2.70 -1.74
N PHE A 484 19.07 2.55 -2.31
CA PHE A 484 18.95 2.30 -3.75
C PHE A 484 19.44 3.49 -4.56
N LYS A 485 19.37 4.70 -4.00
CA LYS A 485 19.82 5.88 -4.72
C LYS A 485 21.32 5.85 -4.97
N ASN A 486 22.10 5.44 -3.96
CA ASN A 486 23.55 5.34 -4.15
C ASN A 486 23.90 4.17 -5.04
N ALA A 487 23.13 3.08 -5.00
CA ALA A 487 23.37 1.98 -5.92
C ALA A 487 23.01 2.35 -7.35
N PHE A 488 22.00 3.22 -7.52
CA PHE A 488 21.65 3.70 -8.86
C PHE A 488 22.74 4.62 -9.41
N LYS A 489 23.21 5.56 -8.60
CA LYS A 489 24.23 6.51 -9.06
C LYS A 489 25.57 5.84 -9.32
N SER A 490 25.80 4.64 -8.78
CA SER A 490 27.06 3.96 -9.01
C SER A 490 27.23 3.56 -10.48
N ALA A 491 26.12 3.40 -11.20
CA ALA A 491 26.17 3.11 -12.63
C ALA A 491 26.71 4.31 -13.39
N LEU A 492 25.91 5.36 -13.52
CA LEU A 492 26.33 6.58 -14.19
C LEU A 492 25.50 7.78 -13.71
N CYS B 1 -11.60 -3.94 -27.32
CA CYS B 1 -12.76 -3.96 -26.43
C CYS B 1 -13.76 -5.04 -26.82
N SER B 2 -15.03 -4.78 -26.53
CA SER B 2 -16.12 -5.68 -26.89
C SER B 2 -17.38 -4.86 -27.07
N CYS B 3 -18.40 -5.50 -27.63
CA CYS B 3 -19.67 -4.85 -27.89
C CYS B 3 -20.81 -5.76 -27.47
N SER B 4 -22.00 -5.16 -27.33
CA SER B 4 -23.19 -5.94 -27.02
C SER B 4 -23.48 -6.94 -28.13
N SER B 5 -23.35 -6.52 -29.39
CA SER B 5 -23.57 -7.38 -30.54
C SER B 5 -22.73 -6.88 -31.70
N LEU B 6 -22.43 -7.79 -32.63
CA LEU B 6 -21.72 -7.40 -33.84
C LEU B 6 -22.58 -6.56 -34.78
N MET B 7 -23.87 -6.42 -34.50
CA MET B 7 -24.76 -5.58 -35.29
C MET B 7 -24.56 -4.10 -35.05
N ASP B 8 -23.75 -3.73 -34.05
CA ASP B 8 -23.47 -2.33 -33.74
C ASP B 8 -22.11 -1.99 -34.36
N LYS B 9 -22.13 -1.62 -35.64
CA LYS B 9 -20.89 -1.40 -36.37
C LYS B 9 -20.14 -0.17 -35.87
N GLU B 10 -20.85 0.80 -35.28
CA GLU B 10 -20.16 1.94 -34.68
C GLU B 10 -19.29 1.49 -33.51
N CYS B 11 -19.79 0.54 -32.71
CA CYS B 11 -19.00 0.01 -31.61
C CYS B 11 -17.86 -0.86 -32.13
N VAL B 12 -18.12 -1.65 -33.17
CA VAL B 12 -17.08 -2.52 -33.71
C VAL B 12 -15.99 -1.70 -34.38
N TYR B 13 -16.35 -0.59 -35.02
CA TYR B 13 -15.32 0.32 -35.53
C TYR B 13 -14.55 0.98 -34.40
N PHE B 14 -15.21 1.17 -33.24
CA PHE B 14 -14.50 1.72 -32.09
C PHE B 14 -13.42 0.77 -31.62
N CYS B 15 -13.73 -0.53 -31.52
CA CYS B 15 -12.72 -1.52 -31.16
C CYS B 15 -11.70 -1.72 -32.26
N HIS B 16 -12.00 -1.31 -33.49
CA HIS B 16 -11.00 -1.34 -34.56
C HIS B 16 -9.88 -0.35 -34.28
N LEU B 17 -10.23 0.84 -33.78
CA LEU B 17 -9.25 1.85 -33.42
C LEU B 17 -8.85 1.79 -31.95
N ASP B 18 -9.57 1.03 -31.13
CA ASP B 18 -9.35 1.05 -29.70
C ASP B 18 -8.04 0.36 -29.33
N ILE B 19 -7.61 0.61 -28.10
CA ILE B 19 -6.44 -0.08 -27.57
C ILE B 19 -6.75 -1.56 -27.40
N ILE B 20 -5.68 -2.36 -27.33
CA ILE B 20 -5.81 -3.79 -27.11
C ILE B 20 -5.76 -4.01 -25.60
N TRP B 21 -6.91 -3.92 -24.96
CA TRP B 21 -7.03 -4.11 -23.53
C TRP B 21 -8.38 -4.74 -23.18
#